data_4PDJ
#
_entry.id   4PDJ
#
_cell.length_a   34.293
_cell.length_b   45.625
_cell.length_c   98.974
_cell.angle_alpha   90.00
_cell.angle_beta   90.00
_cell.angle_gamma   90.00
#
_symmetry.space_group_name_H-M   'P 21 21 21'
#
loop_
_entity.id
_entity.type
_entity.pdbx_description
1 polymer 'Dihydrofolate reductase'
2 non-polymer 'MANGANESE (II) ION'
3 non-polymer 'DIHYDROFOLIC ACID'
4 non-polymer 'NADPH DIHYDRO-NICOTINAMIDE-ADENINE-DINUCLEOTIDE PHOSPHATE'
5 water water
#
_entity_poly.entity_id   1
_entity_poly.type   'polypeptide(L)'
_entity_poly.pdbx_seq_one_letter_code
;MISLIAALAVDRVIGMENAMPWNLPADLAWFKRNTLNKPVIMGRHTWESIGRPLPGRKNIILSSQPGTDDRVTWVKSVDE
AIAACGDVPEIMVIGGGRVYEQFLPKAQKLYLTHIDAEVEGDTHFPDYEPDDWESVFSEFHDADAQNSHSYCFEILERR
;
_entity_poly.pdbx_strand_id   A
#
# COMPACT_ATOMS: atom_id res chain seq x y z
N MET A 1 15.86 2.39 -0.23
CA MET A 1 14.98 1.93 0.88
C MET A 1 13.59 1.57 0.37
N ILE A 2 13.03 0.50 0.92
CA ILE A 2 11.70 0.03 0.55
C ILE A 2 10.69 0.38 1.64
N SER A 3 9.57 0.97 1.22
CA SER A 3 8.47 1.29 2.11
C SER A 3 7.19 0.56 1.70
N LEU A 4 6.35 0.25 2.68
CA LEU A 4 4.99 -0.24 2.41
C LEU A 4 3.99 0.82 2.83
N ILE A 5 2.92 0.96 2.07
CA ILE A 5 1.82 1.85 2.44
C ILE A 5 0.51 1.07 2.35
N ALA A 6 -0.35 1.23 3.34
CA ALA A 6 -1.60 0.47 3.41
C ALA A 6 -2.64 1.12 4.31
N ALA A 7 -3.91 0.80 4.07
CA ALA A 7 -5.00 1.21 4.94
C ALA A 7 -5.66 -0.03 5.52
N LEU A 8 -5.60 -0.15 6.84
CA LEU A 8 -6.11 -1.31 7.55
C LEU A 8 -7.39 -0.98 8.31
N ALA A 9 -8.43 -1.79 8.09
CA ALA A 9 -9.60 -1.78 8.96
C ALA A 9 -9.35 -2.72 10.13
N VAL A 10 -10.37 -2.92 10.97
CA VAL A 10 -10.26 -3.80 12.12
C VAL A 10 -9.78 -5.20 11.69
N ASP A 11 -8.96 -5.82 12.54
CA ASP A 11 -8.41 -7.14 12.29
C ASP A 11 -7.59 -7.16 10.99
N ARG A 12 -6.91 -6.06 10.72
CA ARG A 12 -5.97 -5.97 9.60
C ARG A 12 -6.59 -6.29 8.25
N VAL A 13 -7.90 -6.13 8.15
CA VAL A 13 -8.58 -6.31 6.87
C VAL A 13 -8.17 -5.17 5.95
N ILE A 14 -7.88 -5.50 4.70
CA ILE A 14 -7.51 -4.48 3.72
C ILE A 14 -8.35 -4.55 2.44
N GLY A 15 -9.17 -5.58 2.27
CA GLY A 15 -10.00 -5.68 1.09
C GLY A 15 -11.09 -6.73 1.12
N MET A 16 -11.99 -6.65 0.14
CA MET A 16 -13.03 -7.65 -0.05
C MET A 16 -13.47 -7.69 -1.51
N GLU A 17 -13.45 -8.89 -2.09
CA GLU A 17 -13.88 -9.10 -3.47
C GLU A 17 -13.18 -8.12 -4.41
N ASN A 18 -11.87 -8.00 -4.21
CA ASN A 18 -11.01 -7.13 -5.00
C ASN A 18 -11.47 -5.67 -5.02
N ALA A 19 -11.95 -5.19 -3.88
CA ALA A 19 -12.25 -3.77 -3.71
C ALA A 19 -12.10 -3.39 -2.24
N MET A 20 -12.11 -2.09 -1.98
CA MET A 20 -12.04 -1.57 -0.63
C MET A 20 -13.39 -0.94 -0.29
N PRO A 21 -14.12 -1.53 0.67
CA PRO A 21 -15.51 -1.09 0.81
C PRO A 21 -15.68 0.35 1.28
N TRP A 22 -14.72 0.86 2.06
CA TRP A 22 -14.84 2.17 2.66
C TRP A 22 -14.45 3.29 1.68
N ASN A 23 -14.91 4.50 1.98
CA ASN A 23 -14.50 5.68 1.23
C ASN A 23 -13.99 6.77 2.17
N LEU A 24 -12.67 6.93 2.22
CA LEU A 24 -12.03 7.95 3.04
C LEU A 24 -11.16 8.86 2.19
N PRO A 25 -11.72 9.98 1.70
CA PRO A 25 -10.95 10.90 0.87
C PRO A 25 -9.69 11.43 1.54
N ALA A 26 -9.72 11.61 2.86
CA ALA A 26 -8.55 12.08 3.60
C ALA A 26 -7.41 11.08 3.50
N ASP A 27 -7.75 9.80 3.51
CA ASP A 27 -6.76 8.73 3.44
C ASP A 27 -6.16 8.65 2.04
N LEU A 28 -6.99 8.85 1.02
CA LEU A 28 -6.50 8.83 -0.36
C LEU A 28 -5.63 10.05 -0.65
N ALA A 29 -5.86 11.13 0.08
CA ALA A 29 -5.01 12.32 -0.02
C ALA A 29 -3.64 12.01 0.57
N TRP A 30 -3.66 11.30 1.70
CA TRP A 30 -2.45 10.87 2.38
C TRP A 30 -1.66 9.91 1.50
N PHE A 31 -2.37 9.00 0.84
CA PHE A 31 -1.75 8.07 -0.10
C PHE A 31 -1.05 8.81 -1.24
N LYS A 32 -1.77 9.74 -1.85
CA LYS A 32 -1.25 10.51 -2.97
C LYS A 32 0.02 11.27 -2.57
N ARG A 33 -0.07 11.97 -1.44
CA ARG A 33 1.01 12.81 -0.96
C ARG A 33 2.29 12.02 -0.68
N ASN A 34 2.12 10.79 -0.20
CA ASN A 34 3.27 9.96 0.19
C ASN A 34 3.82 9.09 -0.94
N THR A 35 3.12 9.04 -2.07
CA THR A 35 3.55 8.21 -3.19
C THR A 35 3.97 9.01 -4.42
N LEU A 36 3.38 10.19 -4.59
CA LEU A 36 3.63 11.02 -5.77
C LEU A 36 5.13 11.15 -6.06
N ASN A 37 5.48 11.06 -7.35
CA ASN A 37 6.86 11.19 -7.80
C ASN A 37 7.78 10.11 -7.23
N LYS A 38 7.21 8.96 -6.87
CA LYS A 38 7.97 7.79 -6.47
C LYS A 38 7.52 6.60 -7.31
N PRO A 39 8.35 5.55 -7.41
CA PRO A 39 7.82 4.34 -8.05
C PRO A 39 6.88 3.59 -7.11
N VAL A 40 5.81 3.05 -7.67
CA VAL A 40 4.88 2.22 -6.89
C VAL A 40 4.90 0.80 -7.45
N ILE A 41 5.07 -0.17 -6.55
CA ILE A 41 5.00 -1.58 -6.90
C ILE A 41 3.70 -2.17 -6.41
N MET A 42 3.02 -2.90 -7.29
CA MET A 42 1.77 -3.55 -6.91
C MET A 42 1.67 -4.92 -7.56
N GLY A 43 0.76 -5.74 -7.04
CA GLY A 43 0.44 -7.01 -7.66
C GLY A 43 -0.62 -6.84 -8.73
N ARG A 44 -0.85 -7.88 -9.52
CA ARG A 44 -1.78 -7.82 -10.64
C ARG A 44 -3.23 -7.57 -10.20
N HIS A 45 -3.65 -8.17 -9.09
CA HIS A 45 -5.03 -8.01 -8.64
C HIS A 45 -5.30 -6.56 -8.23
N THR A 46 -4.31 -5.94 -7.59
CA THR A 46 -4.43 -4.56 -7.16
C THR A 46 -4.45 -3.63 -8.37
N TRP A 47 -3.70 -3.99 -9.40
CA TRP A 47 -3.72 -3.23 -10.66
C TRP A 47 -5.11 -3.26 -11.27
N GLU A 48 -5.76 -4.42 -11.20
CA GLU A 48 -7.09 -4.59 -11.76
C GLU A 48 -8.17 -3.90 -10.92
N SER A 49 -7.90 -3.71 -9.63
CA SER A 49 -8.86 -3.03 -8.76
C SER A 49 -8.77 -1.51 -8.91
N ILE A 50 -7.57 -0.99 -9.19
CA ILE A 50 -7.39 0.45 -9.37
C ILE A 50 -7.96 0.85 -10.73
N GLY A 51 -7.64 0.08 -11.77
CA GLY A 51 -8.29 0.22 -13.06
C GLY A 51 -7.59 1.17 -14.03
N ARG A 52 -6.51 1.80 -13.60
CA ARG A 52 -5.83 2.80 -14.42
C ARG A 52 -4.43 3.07 -13.88
N PRO A 53 -3.54 3.61 -14.71
CA PRO A 53 -2.23 3.99 -14.16
C PRO A 53 -2.33 5.18 -13.21
N LEU A 54 -1.56 5.14 -12.12
CA LEU A 54 -1.54 6.26 -11.19
C LEU A 54 -0.63 7.35 -11.72
N PRO A 55 -1.18 8.55 -11.98
CA PRO A 55 -0.37 9.60 -12.61
C PRO A 55 0.74 10.13 -11.71
N GLY A 56 1.84 10.55 -12.32
CA GLY A 56 2.96 11.14 -11.59
C GLY A 56 3.79 10.10 -10.86
N ARG A 57 3.57 8.83 -11.19
CA ARG A 57 4.26 7.72 -10.54
C ARG A 57 4.61 6.64 -11.56
N LYS A 58 5.79 6.06 -11.41
CA LYS A 58 6.17 4.92 -12.24
C LYS A 58 5.43 3.68 -11.73
N ASN A 59 4.51 3.18 -12.55
CA ASN A 59 3.68 2.04 -12.18
C ASN A 59 4.37 0.73 -12.53
N ILE A 60 4.63 -0.09 -11.52
CA ILE A 60 5.26 -1.39 -11.71
C ILE A 60 4.36 -2.51 -11.20
N ILE A 61 4.00 -3.42 -12.10
CA ILE A 61 3.07 -4.51 -11.79
C ILE A 61 3.78 -5.86 -11.75
N LEU A 62 3.53 -6.62 -10.68
CA LEU A 62 4.01 -7.99 -10.57
C LEU A 62 3.01 -8.95 -11.17
N SER A 63 3.47 -9.78 -12.11
CA SER A 63 2.62 -10.81 -12.70
C SER A 63 3.47 -11.91 -13.31
N SER A 64 3.05 -13.16 -13.12
CA SER A 64 3.73 -14.29 -13.73
C SER A 64 3.36 -14.41 -15.21
N GLN A 65 2.37 -13.63 -15.64
CA GLN A 65 1.94 -13.60 -17.03
C GLN A 65 2.51 -12.40 -17.75
N PRO A 66 2.61 -12.46 -19.09
CA PRO A 66 3.06 -11.29 -19.85
C PRO A 66 2.12 -10.10 -19.65
N GLY A 67 2.66 -8.89 -19.81
CA GLY A 67 1.88 -7.69 -19.64
C GLY A 67 0.82 -7.51 -20.71
N THR A 68 -0.25 -6.81 -20.34
CA THR A 68 -1.35 -6.51 -21.25
C THR A 68 -1.64 -5.01 -21.27
N ASP A 69 -0.61 -4.20 -21.03
CA ASP A 69 -0.75 -2.75 -21.00
C ASP A 69 0.63 -2.10 -20.96
N ASP A 70 0.97 -1.32 -21.99
CA ASP A 70 2.30 -0.72 -22.07
C ASP A 70 2.34 0.69 -21.48
N ARG A 71 1.29 1.08 -20.77
CA ARG A 71 1.29 2.33 -20.02
C ARG A 71 1.97 2.14 -18.67
N VAL A 72 2.25 0.88 -18.32
CA VAL A 72 2.92 0.55 -17.08
C VAL A 72 4.03 -0.47 -17.35
N THR A 73 4.82 -0.75 -16.32
CA THR A 73 5.96 -1.67 -16.45
C THR A 73 5.62 -3.00 -15.79
N TRP A 74 5.75 -4.09 -16.55
CA TRP A 74 5.48 -5.43 -16.03
C TRP A 74 6.77 -6.16 -15.70
N VAL A 75 6.77 -6.84 -14.56
CA VAL A 75 7.91 -7.63 -14.11
C VAL A 75 7.42 -8.98 -13.60
N LYS A 76 8.33 -9.93 -13.45
CA LYS A 76 7.96 -11.33 -13.14
C LYS A 76 8.53 -11.86 -11.83
N SER A 77 9.19 -11.01 -11.06
CA SER A 77 9.74 -11.42 -9.76
C SER A 77 9.93 -10.22 -8.86
N VAL A 78 10.17 -10.48 -7.58
CA VAL A 78 10.39 -9.41 -6.61
C VAL A 78 11.67 -8.65 -6.92
N ASP A 79 12.75 -9.38 -7.21
CA ASP A 79 14.03 -8.77 -7.49
C ASP A 79 13.96 -7.89 -8.74
N GLU A 80 13.22 -8.35 -9.75
CA GLU A 80 13.09 -7.60 -10.99
C GLU A 80 12.30 -6.30 -10.77
N ALA A 81 11.30 -6.36 -9.90
CA ALA A 81 10.52 -5.18 -9.56
C ALA A 81 11.42 -4.11 -8.96
N ILE A 82 12.26 -4.51 -8.02
CA ILE A 82 13.16 -3.60 -7.34
C ILE A 82 14.17 -2.99 -8.31
N ALA A 83 14.65 -3.79 -9.25
CA ALA A 83 15.60 -3.32 -10.24
C ALA A 83 14.96 -2.31 -11.20
N ALA A 84 13.69 -2.55 -11.53
CA ALA A 84 12.98 -1.69 -12.48
C ALA A 84 12.78 -0.29 -11.93
N CYS A 85 12.92 -0.12 -10.61
CA CYS A 85 12.76 1.19 -9.99
C CYS A 85 13.99 2.08 -10.20
N GLY A 86 15.15 1.44 -10.35
CA GLY A 86 16.40 2.17 -10.53
C GLY A 86 16.93 2.67 -9.19
N ASP A 87 17.77 3.70 -9.26
CA ASP A 87 18.39 4.26 -8.07
C ASP A 87 17.60 5.43 -7.54
N VAL A 88 16.56 5.13 -6.74
CA VAL A 88 15.72 6.16 -6.14
C VAL A 88 15.79 6.08 -4.62
N PRO A 89 15.45 7.18 -3.94
CA PRO A 89 15.53 7.16 -2.47
C PRO A 89 14.48 6.25 -1.81
N GLU A 90 13.30 6.13 -2.41
CA GLU A 90 12.21 5.40 -1.77
C GLU A 90 11.28 4.70 -2.75
N ILE A 91 11.18 3.39 -2.60
CA ILE A 91 10.24 2.56 -3.35
C ILE A 91 9.01 2.31 -2.50
N MET A 92 7.83 2.64 -3.05
CA MET A 92 6.57 2.43 -2.35
C MET A 92 5.91 1.13 -2.83
N VAL A 93 5.63 0.24 -1.90
CA VAL A 93 4.91 -1.00 -2.21
C VAL A 93 3.47 -0.81 -1.76
N ILE A 94 2.54 -0.89 -2.71
CA ILE A 94 1.16 -0.52 -2.44
C ILE A 94 0.20 -1.70 -2.47
N GLY A 95 0.71 -2.92 -2.30
CA GLY A 95 -0.13 -4.08 -2.09
C GLY A 95 -0.33 -4.90 -3.34
N GLY A 96 -1.22 -5.90 -3.32
CA GLY A 96 -2.09 -6.19 -2.19
C GLY A 96 -1.48 -7.11 -1.15
N GLY A 97 -2.30 -8.05 -0.65
CA GLY A 97 -1.90 -8.87 0.48
C GLY A 97 -0.70 -9.74 0.21
N ARG A 98 -0.70 -10.39 -0.95
CA ARG A 98 0.37 -11.32 -1.31
C ARG A 98 1.67 -10.60 -1.62
N VAL A 99 1.55 -9.37 -2.12
CA VAL A 99 2.72 -8.55 -2.40
C VAL A 99 3.29 -8.01 -1.10
N TYR A 100 2.41 -7.49 -0.23
CA TYR A 100 2.83 -6.99 1.07
C TYR A 100 3.65 -8.03 1.82
N GLU A 101 3.15 -9.26 1.87
CA GLU A 101 3.80 -10.33 2.62
C GLU A 101 5.23 -10.54 2.16
N GLN A 102 5.47 -10.40 0.86
CA GLN A 102 6.79 -10.65 0.28
C GLN A 102 7.79 -9.52 0.49
N PHE A 103 7.31 -8.29 0.66
CA PHE A 103 8.19 -7.13 0.76
C PHE A 103 8.41 -6.68 2.20
N LEU A 104 7.59 -7.18 3.12
CA LEU A 104 7.68 -6.80 4.53
C LEU A 104 9.06 -7.08 5.15
N PRO A 105 9.69 -8.23 4.81
CA PRO A 105 11.02 -8.48 5.38
C PRO A 105 12.12 -7.59 4.79
N LYS A 106 11.83 -6.94 3.67
CA LYS A 106 12.81 -6.06 3.01
C LYS A 106 12.61 -4.60 3.41
N ALA A 107 11.47 -4.30 4.03
CA ALA A 107 11.04 -2.92 4.24
C ALA A 107 11.66 -2.25 5.48
N GLN A 108 11.99 -0.97 5.34
CA GLN A 108 12.53 -0.15 6.43
C GLN A 108 11.46 0.75 7.03
N LYS A 109 10.36 0.94 6.32
CA LYS A 109 9.35 1.91 6.72
C LYS A 109 7.93 1.44 6.38
N LEU A 110 6.98 1.73 7.26
CA LEU A 110 5.57 1.46 7.00
C LEU A 110 4.74 2.73 7.13
N TYR A 111 3.89 3.01 6.13
CA TYR A 111 2.89 4.06 6.23
C TYR A 111 1.52 3.42 6.40
N LEU A 112 1.02 3.37 7.63
CA LEU A 112 -0.24 2.70 7.91
C LEU A 112 -1.33 3.65 8.34
N THR A 113 -2.51 3.49 7.74
CA THR A 113 -3.71 4.16 8.19
C THR A 113 -4.58 3.14 8.91
N HIS A 114 -4.87 3.38 10.17
CA HIS A 114 -5.77 2.52 10.91
C HIS A 114 -7.16 3.10 10.91
N ILE A 115 -8.04 2.42 10.27
CA ILE A 115 -9.41 2.89 10.12
C ILE A 115 -10.33 2.22 11.13
N ASP A 116 -11.13 3.01 11.85
CA ASP A 116 -12.06 2.44 12.82
C ASP A 116 -13.30 1.93 12.09
N ALA A 117 -13.14 0.83 11.36
CA ALA A 117 -14.25 0.23 10.64
C ALA A 117 -14.29 -1.28 10.80
N GLU A 118 -15.49 -1.80 11.04
CA GLU A 118 -15.72 -3.24 11.09
C GLU A 118 -16.16 -3.71 9.71
N VAL A 119 -15.29 -4.46 9.05
CA VAL A 119 -15.55 -4.91 7.70
C VAL A 119 -15.17 -6.38 7.55
N GLU A 120 -16.07 -7.16 6.96
CA GLU A 120 -15.77 -8.52 6.56
C GLU A 120 -14.94 -8.48 5.29
N GLY A 121 -13.77 -9.12 5.31
CA GLY A 121 -12.92 -9.14 4.14
C GLY A 121 -12.28 -10.48 3.87
N ASP A 122 -11.63 -10.57 2.72
CA ASP A 122 -10.97 -11.79 2.27
C ASP A 122 -9.46 -11.60 2.14
N THR A 123 -8.99 -10.39 2.46
CA THR A 123 -7.58 -10.06 2.32
C THR A 123 -7.11 -9.33 3.57
N HIS A 124 -5.96 -9.71 4.10
CA HIS A 124 -5.39 -9.14 5.32
C HIS A 124 -3.98 -8.61 5.12
N PHE A 125 -3.62 -7.59 5.88
CA PHE A 125 -2.25 -7.12 5.95
C PHE A 125 -1.47 -8.16 6.74
N PRO A 126 -0.22 -8.47 6.34
CA PRO A 126 0.52 -9.52 7.05
C PRO A 126 0.72 -9.25 8.53
N ASP A 127 0.78 -10.31 9.32
CA ASP A 127 1.02 -10.19 10.76
C ASP A 127 2.49 -9.88 11.00
N TYR A 128 2.78 -8.68 11.49
CA TYR A 128 4.16 -8.24 11.70
C TYR A 128 4.48 -8.11 13.19
N GLU A 129 5.73 -8.45 13.53
CA GLU A 129 6.20 -8.43 14.91
C GLU A 129 6.32 -6.98 15.40
N PRO A 130 5.49 -6.57 16.38
CA PRO A 130 5.51 -5.17 16.82
C PRO A 130 6.85 -4.72 17.40
N ASP A 131 7.64 -5.67 17.91
CA ASP A 131 8.92 -5.33 18.52
C ASP A 131 9.89 -4.78 17.49
N ASP A 132 9.72 -5.14 16.22
CA ASP A 132 10.64 -4.72 15.18
C ASP A 132 10.46 -3.28 14.74
N TRP A 133 9.39 -2.63 15.18
CA TRP A 133 8.99 -1.34 14.62
C TRP A 133 8.78 -0.26 15.66
N GLU A 134 9.34 0.92 15.38
CA GLU A 134 9.21 2.10 16.22
C GLU A 134 8.30 3.12 15.57
N SER A 135 7.28 3.57 16.32
CA SER A 135 6.38 4.59 15.80
C SER A 135 7.05 5.97 15.87
N VAL A 136 7.20 6.61 14.72
CA VAL A 136 7.89 7.90 14.63
C VAL A 136 6.95 9.04 14.20
N PHE A 137 5.69 8.71 13.94
CA PHE A 137 4.68 9.72 13.62
C PHE A 137 3.30 9.10 13.78
N SER A 138 2.42 9.83 14.46
CA SER A 138 1.05 9.39 14.67
C SER A 138 0.12 10.61 14.60
N GLU A 139 -1.03 10.46 13.94
CA GLU A 139 -1.97 11.56 13.79
C GLU A 139 -3.42 11.09 13.70
N PHE A 140 -4.16 11.29 14.79
CA PHE A 140 -5.55 10.80 14.88
C PHE A 140 -6.55 11.85 14.40
N HIS A 141 -7.57 11.42 13.65
CA HIS A 141 -8.66 12.24 13.14
C HIS A 141 -10.01 11.60 13.45
N ASP A 142 -10.87 12.46 13.96
CA ASP A 142 -12.26 12.05 14.14
C ASP A 142 -13.01 12.07 12.81
N ALA A 143 -14.10 11.31 12.73
CA ALA A 143 -14.93 11.33 11.54
C ALA A 143 -15.51 12.73 11.31
N ASP A 144 -15.80 13.05 10.05
CA ASP A 144 -16.41 14.32 9.71
C ASP A 144 -17.39 14.11 8.55
N ALA A 145 -17.81 15.20 7.91
CA ALA A 145 -18.82 15.13 6.86
C ALA A 145 -18.32 14.39 5.62
N GLN A 146 -17.00 14.38 5.42
CA GLN A 146 -16.41 13.75 4.24
C GLN A 146 -15.92 12.33 4.55
N ASN A 147 -15.51 12.11 5.80
CA ASN A 147 -14.93 10.83 6.22
C ASN A 147 -15.80 10.17 7.28
N SER A 148 -16.44 9.07 6.92
CA SER A 148 -17.46 8.46 7.77
C SER A 148 -16.90 7.67 8.96
N HIS A 149 -15.57 7.48 9.00
CA HIS A 149 -14.93 6.80 10.11
C HIS A 149 -13.83 7.65 10.73
N SER A 150 -13.46 7.33 11.96
CA SER A 150 -12.25 7.87 12.56
C SER A 150 -11.07 7.07 12.04
N TYR A 151 -9.92 7.72 11.92
CA TYR A 151 -8.74 7.07 11.38
C TYR A 151 -7.47 7.64 11.99
N CYS A 152 -6.39 6.89 11.87
CA CYS A 152 -5.10 7.28 12.40
C CYS A 152 -3.97 7.03 11.43
N PHE A 153 -3.30 8.10 11.00
CA PHE A 153 -2.10 7.96 10.18
C PHE A 153 -0.92 7.62 11.08
N GLU A 154 -0.20 6.57 10.72
CA GLU A 154 0.97 6.16 11.49
C GLU A 154 2.14 5.84 10.57
N ILE A 155 3.33 6.32 10.94
CA ILE A 155 4.56 5.91 10.27
C ILE A 155 5.43 5.14 11.24
N LEU A 156 5.85 3.95 10.83
CA LEU A 156 6.72 3.10 11.62
C LEU A 156 8.04 2.89 10.88
N GLU A 157 9.15 2.91 11.61
CA GLU A 157 10.46 2.61 11.04
C GLU A 157 11.06 1.39 11.72
N ARG A 158 11.70 0.52 10.95
CA ARG A 158 12.31 -0.68 11.48
C ARG A 158 13.42 -0.28 12.44
N ARG A 159 13.42 -0.85 13.64
CA ARG A 159 14.40 -0.49 14.65
C ARG A 159 15.79 -0.98 14.25
#